data_6B9H
#
_entry.id   6B9H
#
_cell.length_a   31.715
_cell.length_b   35.372
_cell.length_c   126.149
_cell.angle_alpha   90.00
_cell.angle_beta   90.00
_cell.angle_gamma   90.00
#
_symmetry.space_group_name_H-M   'P 21 21 21'
#
loop_
_entity.id
_entity.type
_entity.pdbx_description
1 polymer 'Protein Hook homolog 3'
2 polymer 'Cytoplasmic dynein 1 light intermediate chain 1'
3 water water
#
loop_
_entity_poly.entity_id
_entity_poly.type
_entity_poly.pdbx_seq_one_letter_code
_entity_poly.pdbx_strand_id
1 'polypeptide(L)'
;SMFSVESLERAELCESLLTWIQTFNVDAPCQTVEDLTNGVVMAQVLQKIDPAYFDENWLNRIKTEVGDNWRLKISNLKKI
LKGILDYNHEILGQQINDFTLPDVNLIGEHSDAAELGRMLQLILGCAVNCEQKQEYIQAIMMMEESVQHVVMTAIQELMS
K
;
A
2 'polypeptide(L)' NMKAGATSEGVLANFFNSLLSKKTGS B
#
# COMPACT_ATOMS: atom_id res chain seq x y z
N ALA A 11 3.11 2.33 14.54
CA ALA A 11 4.42 2.65 14.15
C ALA A 11 5.22 1.36 14.02
N GLU A 12 6.29 1.47 13.33
CA GLU A 12 7.17 0.44 12.84
C GLU A 12 6.55 -0.11 11.51
N LEU A 13 5.37 0.35 11.20
CA LEU A 13 4.65 0.05 10.01
C LEU A 13 5.17 0.74 8.77
N CYS A 14 5.30 2.04 8.86
CA CYS A 14 5.61 2.79 7.66
C CYS A 14 6.92 2.32 7.03
N GLU A 15 7.98 2.19 7.83
CA GLU A 15 9.28 1.89 7.22
C GLU A 15 9.40 0.45 6.77
N SER A 16 8.79 -0.50 7.47
CA SER A 16 8.78 -1.86 6.96
C SER A 16 7.98 -1.94 5.69
N LEU A 17 6.88 -1.23 5.60
CA LEU A 17 6.09 -1.26 4.39
C LEU A 17 6.76 -0.47 3.26
N LEU A 18 7.58 0.52 3.59
CA LEU A 18 8.41 1.15 2.56
C LEU A 18 9.36 0.15 1.90
N THR A 19 10.01 -0.69 2.70
CA THR A 19 10.85 -1.74 2.15
C THR A 19 10.05 -2.63 1.22
N TRP A 20 8.83 -2.99 1.61
CA TRP A 20 7.97 -3.79 0.76
C TRP A 20 7.63 -3.06 -0.54
N ILE A 21 7.25 -1.79 -0.42
CA ILE A 21 6.99 -0.97 -1.61
C ILE A 21 8.18 -0.99 -2.54
N GLN A 22 9.39 -0.91 -1.99
CA GLN A 22 10.59 -0.88 -2.82
C GLN A 22 10.77 -2.15 -3.62
N THR A 23 10.14 -3.24 -3.22
CA THR A 23 10.29 -4.46 -4.01
C THR A 23 9.50 -4.41 -5.32
N PHE A 24 8.61 -3.43 -5.50
CA PHE A 24 7.94 -3.31 -6.78
C PHE A 24 8.79 -2.66 -7.86
N ASN A 25 9.74 -1.92 -7.38
CA ASN A 25 10.58 -1.17 -8.49
CA ASN A 25 10.62 -1.14 -8.43
C ASN A 25 9.63 -0.47 -9.64
N VAL A 26 8.93 0.48 -9.00
CA VAL A 26 8.16 1.35 -9.88
C VAL A 26 9.04 2.47 -10.42
N ASP A 27 8.49 3.24 -11.35
CA ASP A 27 9.28 4.26 -12.04
C ASP A 27 9.62 5.44 -11.15
N ALA A 28 8.70 5.85 -10.29
CA ALA A 28 8.95 7.03 -9.48
C ALA A 28 9.89 6.72 -8.32
N PRO A 29 10.62 7.73 -7.82
CA PRO A 29 11.56 7.48 -6.71
C PRO A 29 10.83 7.06 -5.46
N CYS A 30 11.40 6.09 -4.75
CA CYS A 30 10.76 5.57 -3.54
CA CYS A 30 10.75 5.58 -3.54
C CYS A 30 11.78 5.27 -2.45
N GLN A 31 12.73 6.18 -2.23
CA GLN A 31 13.75 5.95 -1.23
C GLN A 31 13.42 6.46 0.15
N THR A 32 12.58 7.49 0.25
CA THR A 32 12.31 8.16 1.50
C THR A 32 10.81 8.21 1.77
N VAL A 33 10.45 8.50 3.01
CA VAL A 33 9.06 8.79 3.36
C VAL A 33 8.50 9.90 2.48
N GLU A 34 9.27 10.98 2.31
CA GLU A 34 8.81 12.13 1.53
C GLU A 34 8.50 11.72 0.09
N ASP A 35 9.28 10.78 -0.46
CA ASP A 35 9.06 10.29 -1.83
C ASP A 35 7.69 9.65 -2.01
N LEU A 36 7.02 9.26 -0.93
CA LEU A 36 5.69 8.64 -1.00
C LEU A 36 4.55 9.62 -0.79
N THR A 37 4.83 10.86 -0.44
CA THR A 37 3.78 11.77 -0.01
C THR A 37 2.93 12.32 -1.15
N ASN A 38 3.39 12.24 -2.40
CA ASN A 38 2.58 12.79 -3.47
C ASN A 38 1.70 11.78 -4.18
N GLY A 39 1.69 10.52 -3.75
CA GLY A 39 0.79 9.51 -4.28
C GLY A 39 1.27 8.76 -5.51
N VAL A 40 2.26 9.28 -6.24
CA VAL A 40 2.62 8.66 -7.53
C VAL A 40 3.11 7.23 -7.33
N VAL A 41 4.04 7.02 -6.40
CA VAL A 41 4.53 5.66 -6.13
C VAL A 41 3.39 4.73 -5.78
N MET A 42 2.49 5.16 -4.88
CA MET A 42 1.37 4.31 -4.49
CA MET A 42 1.36 4.33 -4.50
C MET A 42 0.51 3.95 -5.70
N ALA A 43 0.26 4.91 -6.58
CA ALA A 43 -0.57 4.65 -7.76
C ALA A 43 0.10 3.66 -8.70
N GLN A 44 1.42 3.81 -8.89
CA GLN A 44 2.17 2.88 -9.72
C GLN A 44 2.17 1.47 -9.11
N VAL A 45 2.31 1.37 -7.79
CA VAL A 45 2.25 0.07 -7.13
C VAL A 45 0.89 -0.59 -7.34
N LEU A 46 -0.19 0.18 -7.19
CA LEU A 46 -1.54 -0.35 -7.40
C LEU A 46 -1.74 -0.86 -8.81
N GLN A 47 -1.19 -0.18 -9.80
CA GLN A 47 -1.23 -0.68 -11.18
C GLN A 47 -0.49 -2.01 -11.30
N LYS A 48 0.62 -2.17 -10.60
CA LYS A 48 1.30 -3.46 -10.64
C LYS A 48 0.48 -4.54 -9.95
N ILE A 49 -0.18 -4.20 -8.84
CA ILE A 49 -0.98 -5.17 -8.11
C ILE A 49 -2.15 -5.67 -8.95
N ASP A 50 -2.85 -4.77 -9.62
CA ASP A 50 -3.99 -5.18 -10.43
C ASP A 50 -4.14 -4.24 -11.60
N PRO A 51 -3.45 -4.53 -12.70
CA PRO A 51 -3.52 -3.64 -13.87
C PRO A 51 -4.85 -3.70 -14.59
N ALA A 52 -5.68 -4.71 -14.32
CA ALA A 52 -7.00 -4.72 -14.91
C ALA A 52 -7.91 -3.71 -14.25
N TYR A 53 -7.68 -3.35 -12.99
CA TYR A 53 -8.50 -2.41 -12.27
C TYR A 53 -7.87 -1.02 -12.20
N PHE A 54 -6.61 -0.97 -11.75
CA PHE A 54 -5.84 0.26 -11.68
C PHE A 54 -5.11 0.43 -13.00
N ASP A 55 -5.90 0.75 -14.03
CA ASP A 55 -5.42 0.76 -15.40
C ASP A 55 -4.80 2.11 -15.77
N GLU A 56 -4.49 2.28 -17.05
CA GLU A 56 -3.89 3.54 -17.49
C GLU A 56 -4.85 4.70 -17.39
N ASN A 57 -6.12 4.49 -17.68
CA ASN A 57 -7.09 5.57 -17.54
C ASN A 57 -7.10 6.08 -16.10
N TRP A 58 -6.99 5.16 -15.15
CA TRP A 58 -7.00 5.52 -13.74
C TRP A 58 -5.70 6.22 -13.34
N LEU A 59 -4.53 5.65 -13.70
CA LEU A 59 -3.26 6.31 -13.42
C LEU A 59 -3.15 7.70 -14.02
N ASN A 60 -3.77 7.94 -15.17
CA ASN A 60 -3.66 9.26 -15.79
C ASN A 60 -4.19 10.37 -14.89
N ARG A 61 -5.08 10.04 -13.96
CA ARG A 61 -5.67 11.02 -13.06
C ARG A 61 -4.71 11.47 -11.97
N ILE A 62 -3.59 10.79 -11.79
CA ILE A 62 -2.63 11.10 -10.74
C ILE A 62 -1.57 12.01 -11.34
N LYS A 63 -1.46 13.21 -10.81
CA LYS A 63 -0.55 14.20 -11.36
C LYS A 63 0.89 13.87 -10.95
N THR A 64 1.81 14.03 -11.88
CA THR A 64 3.21 13.77 -11.62
C THR A 64 3.89 15.15 -11.51
N GLU A 65 5.08 15.19 -10.96
CA GLU A 65 5.78 16.47 -10.84
C GLU A 65 4.94 17.45 -10.01
N VAL A 66 4.72 17.02 -8.79
CA VAL A 66 3.99 17.73 -7.77
C VAL A 66 4.89 18.68 -6.97
N GLY A 67 6.13 18.29 -6.77
CA GLY A 67 7.04 19.05 -5.93
C GLY A 67 6.50 19.22 -4.53
N ASP A 68 6.60 20.44 -4.04
CA ASP A 68 6.23 20.75 -2.66
C ASP A 68 4.81 21.23 -2.57
N ASN A 69 4.01 21.05 -3.63
CA ASN A 69 2.61 21.50 -3.64
C ASN A 69 1.75 20.51 -2.87
N TRP A 70 1.60 20.78 -1.58
CA TRP A 70 0.88 19.86 -0.71
C TRP A 70 -0.60 19.78 -1.06
N ARG A 71 -1.17 20.82 -1.65
CA ARG A 71 -2.56 20.73 -2.09
CA ARG A 71 -2.56 20.74 -2.09
C ARG A 71 -2.72 19.67 -3.18
N LEU A 72 -1.82 19.60 -4.12
CA LEU A 72 -1.84 18.58 -5.14
C LEU A 72 -1.49 17.22 -4.60
N LYS A 73 -0.56 17.16 -3.66
CA LYS A 73 -0.34 15.90 -2.97
C LYS A 73 -1.66 15.36 -2.44
N ILE A 74 -2.41 16.19 -1.75
CA ILE A 74 -3.66 15.74 -1.14
C ILE A 74 -4.67 15.33 -2.21
N SER A 75 -4.78 16.11 -3.28
CA SER A 75 -5.68 15.72 -4.38
C SER A 75 -5.33 14.33 -4.92
N ASN A 76 -4.04 14.09 -5.18
CA ASN A 76 -3.61 12.76 -5.62
C ASN A 76 -3.95 11.70 -4.60
N LEU A 77 -3.65 11.95 -3.32
CA LEU A 77 -3.87 10.93 -2.31
C LEU A 77 -5.34 10.60 -2.15
N LYS A 78 -6.22 11.59 -2.29
CA LYS A 78 -7.65 11.32 -2.23
C LYS A 78 -8.09 10.43 -3.38
N LYS A 79 -7.50 10.61 -4.56
CA LYS A 79 -7.84 9.73 -5.68
C LYS A 79 -7.34 8.32 -5.43
N ILE A 80 -6.15 8.19 -4.84
CA ILE A 80 -5.62 6.88 -4.53
C ILE A 80 -6.50 6.18 -3.51
N LEU A 81 -6.81 6.88 -2.41
CA LEU A 81 -7.66 6.27 -1.39
C LEU A 81 -9.02 5.90 -1.96
N LYS A 82 -9.61 6.77 -2.79
CA LYS A 82 -10.88 6.44 -3.44
C LYS A 82 -10.76 5.14 -4.20
N GLY A 83 -9.66 4.99 -4.96
CA GLY A 83 -9.47 3.78 -5.73
C GLY A 83 -9.35 2.55 -4.87
N ILE A 84 -8.56 2.64 -3.78
CA ILE A 84 -8.39 1.50 -2.88
C ILE A 84 -9.74 1.09 -2.32
N LEU A 85 -10.52 2.07 -1.89
CA LEU A 85 -11.78 1.75 -1.22
C LEU A 85 -12.78 1.18 -2.22
N ASP A 86 -12.79 1.69 -3.44
CA ASP A 86 -13.63 1.09 -4.48
C ASP A 86 -13.17 -0.32 -4.81
N TYR A 87 -11.86 -0.55 -4.91
CA TYR A 87 -11.35 -1.89 -5.15
C TYR A 87 -11.80 -2.83 -4.05
N ASN A 88 -11.68 -2.40 -2.81
CA ASN A 88 -12.08 -3.25 -1.69
C ASN A 88 -13.55 -3.63 -1.81
N HIS A 89 -14.40 -2.68 -2.18
CA HIS A 89 -15.84 -2.93 -2.24
C HIS A 89 -16.20 -3.77 -3.47
N GLU A 90 -15.65 -3.46 -4.64
CA GLU A 90 -16.11 -4.01 -5.91
C GLU A 90 -15.42 -5.31 -6.27
N ILE A 91 -14.18 -5.51 -5.85
CA ILE A 91 -13.37 -6.65 -6.22
C ILE A 91 -13.08 -7.55 -5.03
N LEU A 92 -12.83 -7.01 -3.85
CA LEU A 92 -12.37 -7.81 -2.73
C LEU A 92 -13.48 -8.17 -1.75
N GLY A 93 -14.72 -7.77 -2.02
CA GLY A 93 -15.82 -8.09 -1.12
C GLY A 93 -15.62 -7.58 0.29
N GLN A 94 -15.03 -6.43 0.43
CA GLN A 94 -14.78 -5.81 1.70
C GLN A 94 -13.89 -6.58 2.64
N GLN A 95 -12.95 -7.34 2.12
CA GLN A 95 -12.09 -8.05 3.06
C GLN A 95 -11.08 -7.17 3.78
N ILE A 96 -10.74 -5.99 3.25
CA ILE A 96 -9.84 -5.08 3.96
C ILE A 96 -10.65 -4.29 4.97
N ASN A 97 -10.15 -4.23 6.20
CA ASN A 97 -10.77 -3.41 7.24
C ASN A 97 -10.53 -1.93 6.96
N ASP A 98 -11.62 -1.19 6.79
CA ASP A 98 -11.53 0.23 6.45
C ASP A 98 -12.28 1.10 7.45
N PHE A 99 -12.31 0.67 8.69
CA PHE A 99 -12.94 1.46 9.72
C PHE A 99 -12.18 2.77 9.95
N THR A 100 -10.87 2.71 10.04
CA THR A 100 -10.03 3.88 10.24
C THR A 100 -9.36 4.19 8.89
N LEU A 101 -9.78 5.30 8.25
CA LEU A 101 -9.14 5.74 7.01
C LEU A 101 -7.89 6.53 7.33
N PRO A 102 -6.82 6.36 6.56
CA PRO A 102 -5.67 7.24 6.70
C PRO A 102 -6.08 8.67 6.46
N ASP A 103 -5.45 9.59 7.19
CA ASP A 103 -5.73 11.03 7.07
C ASP A 103 -4.75 11.59 6.03
N VAL A 104 -5.24 11.63 4.79
CA VAL A 104 -4.37 12.03 3.68
C VAL A 104 -4.01 13.50 3.79
N ASN A 105 -4.83 14.31 4.45
CA ASN A 105 -4.48 15.72 4.64
C ASN A 105 -3.23 15.87 5.49
N LEU A 106 -3.07 15.01 6.50
CA LEU A 106 -1.88 15.04 7.33
C LEU A 106 -0.67 14.50 6.60
N ILE A 107 -0.87 13.56 5.68
CA ILE A 107 0.24 13.14 4.84
C ILE A 107 0.73 14.30 3.99
N GLY A 108 -0.18 15.00 3.32
CA GLY A 108 0.23 16.12 2.48
C GLY A 108 0.79 17.30 3.26
N GLU A 109 0.14 17.67 4.36
CA GLU A 109 0.50 18.90 5.07
C GLU A 109 1.67 18.71 6.03
N HIS A 110 1.90 17.50 6.52
CA HIS A 110 2.92 17.29 7.55
C HIS A 110 3.81 16.10 7.26
N SER A 111 3.66 15.46 6.10
CA SER A 111 4.40 14.25 5.79
C SER A 111 4.30 13.22 6.91
N ASP A 112 3.09 13.07 7.46
CA ASP A 112 2.85 12.22 8.63
C ASP A 112 3.06 10.75 8.27
N ALA A 113 4.13 10.16 8.83
CA ALA A 113 4.54 8.82 8.43
C ALA A 113 3.64 7.78 9.03
N ALA A 114 2.95 8.10 10.11
CA ALA A 114 2.00 7.15 10.67
C ALA A 114 0.78 7.01 9.76
N GLU A 115 0.27 8.12 9.26
CA GLU A 115 -0.84 8.06 8.32
C GLU A 115 -0.40 7.45 7.00
N LEU A 116 0.82 7.71 6.61
CA LEU A 116 1.37 7.08 5.44
C LEU A 116 1.42 5.56 5.67
N GLY A 117 1.86 5.12 6.83
CA GLY A 117 1.88 3.69 7.12
C GLY A 117 0.51 3.05 6.98
N ARG A 118 -0.55 3.75 7.42
CA ARG A 118 -1.90 3.26 7.25
C ARG A 118 -2.29 3.13 5.79
N MET A 119 -1.91 4.10 4.96
CA MET A 119 -2.20 3.97 3.54
CA MET A 119 -2.20 3.95 3.54
C MET A 119 -1.43 2.81 2.93
N LEU A 120 -0.15 2.66 3.29
CA LEU A 120 0.61 1.53 2.78
C LEU A 120 -0.01 0.21 3.23
N GLN A 121 -0.54 0.15 4.46
CA GLN A 121 -1.22 -1.04 4.94
C GLN A 121 -2.42 -1.39 4.06
N LEU A 122 -3.17 -0.40 3.62
CA LEU A 122 -4.30 -0.69 2.71
C LEU A 122 -3.79 -1.26 1.40
N ILE A 123 -2.70 -0.72 0.87
CA ILE A 123 -2.11 -1.23 -0.37
C ILE A 123 -1.62 -2.66 -0.19
N LEU A 124 -0.93 -2.96 0.92
CA LEU A 124 -0.62 -4.34 1.30
C LEU A 124 -1.87 -5.20 1.31
N GLY A 125 -2.96 -4.72 1.88
CA GLY A 125 -4.21 -5.47 1.85
C GLY A 125 -4.70 -5.79 0.46
N CYS A 126 -4.49 -4.87 -0.47
CA CYS A 126 -4.83 -5.15 -1.86
C CYS A 126 -3.98 -6.28 -2.40
N ALA A 127 -2.68 -6.21 -2.17
CA ALA A 127 -1.78 -7.22 -2.73
C ALA A 127 -2.08 -8.60 -2.17
N VAL A 128 -2.36 -8.73 -0.86
CA VAL A 128 -2.52 -10.07 -0.30
C VAL A 128 -3.94 -10.59 -0.47
N ASN A 129 -4.82 -9.87 -1.15
CA ASN A 129 -6.17 -10.34 -1.48
C ASN A 129 -6.46 -10.34 -2.95
N CYS A 130 -5.54 -9.88 -3.79
CA CYS A 130 -5.77 -9.82 -5.23
C CYS A 130 -5.61 -11.21 -5.85
N GLU A 131 -5.85 -11.28 -7.16
CA GLU A 131 -5.69 -12.54 -7.87
C GLU A 131 -4.29 -13.10 -7.78
N GLN A 132 -3.27 -12.26 -7.59
CA GLN A 132 -1.89 -12.72 -7.50
C GLN A 132 -1.42 -12.83 -6.07
N LYS A 133 -2.34 -12.93 -5.12
CA LYS A 133 -1.98 -12.92 -3.71
C LYS A 133 -0.96 -14.00 -3.36
N GLN A 134 -1.05 -15.19 -3.98
CA GLN A 134 -0.07 -16.23 -3.67
C GLN A 134 1.34 -15.76 -3.95
N GLU A 135 1.57 -15.12 -5.09
CA GLU A 135 2.90 -14.68 -5.44
C GLU A 135 3.36 -13.52 -4.56
N TYR A 136 2.46 -12.60 -4.21
CA TYR A 136 2.85 -11.52 -3.29
C TYR A 136 3.22 -12.07 -1.93
N ILE A 137 2.46 -13.03 -1.41
CA ILE A 137 2.79 -13.63 -0.13
C ILE A 137 4.11 -14.39 -0.21
N GLN A 138 4.32 -15.15 -1.28
CA GLN A 138 5.58 -15.87 -1.43
C GLN A 138 6.78 -14.92 -1.47
N ALA A 139 6.61 -13.74 -2.08
CA ALA A 139 7.68 -12.77 -2.10
C ALA A 139 7.97 -12.20 -0.71
N ILE A 140 6.92 -11.88 0.05
CA ILE A 140 7.10 -11.43 1.44
C ILE A 140 7.90 -12.45 2.23
N MET A 141 7.67 -13.73 1.96
CA MET A 141 8.33 -14.77 2.74
C MET A 141 9.83 -14.83 2.46
N MET A 142 10.32 -14.09 1.47
CA MET A 142 11.73 -14.00 1.17
C MET A 142 12.38 -12.79 1.81
N MET A 143 11.58 -11.90 2.41
CA MET A 143 12.18 -10.69 2.94
C MET A 143 12.84 -10.94 4.28
N GLU A 144 13.51 -9.90 4.80
CA GLU A 144 14.09 -9.95 6.14
C GLU A 144 13.03 -10.29 7.17
N GLU A 145 13.42 -11.07 8.18
CA GLU A 145 12.49 -11.50 9.22
C GLU A 145 11.83 -10.32 9.91
N SER A 146 12.58 -9.25 10.19
CA SER A 146 12.00 -8.10 10.87
C SER A 146 10.87 -7.49 10.07
N VAL A 147 11.05 -7.40 8.75
CA VAL A 147 10.00 -6.91 7.88
C VAL A 147 8.83 -7.86 7.89
N GLN A 148 9.09 -9.16 7.78
CA GLN A 148 8.00 -10.12 7.74
C GLN A 148 7.14 -10.03 8.99
N HIS A 149 7.76 -9.79 10.13
CA HIS A 149 6.97 -9.76 11.35
C HIS A 149 6.03 -8.54 11.37
N VAL A 150 6.51 -7.39 10.88
CA VAL A 150 5.65 -6.22 10.81
C VAL A 150 4.55 -6.43 9.78
N VAL A 151 4.87 -7.07 8.66
CA VAL A 151 3.88 -7.37 7.63
C VAL A 151 2.82 -8.29 8.18
N MET A 152 3.26 -9.33 8.92
CA MET A 152 2.33 -10.20 9.64
C MET A 152 1.36 -9.41 10.50
N THR A 153 1.87 -8.51 11.34
CA THR A 153 0.96 -7.76 12.21
C THR A 153 0.01 -6.89 11.40
N ALA A 154 0.52 -6.28 10.33
CA ALA A 154 -0.31 -5.45 9.47
C ALA A 154 -1.43 -6.24 8.82
N ILE A 155 -1.13 -7.46 8.36
CA ILE A 155 -2.13 -8.30 7.74
C ILE A 155 -3.16 -8.75 8.75
N GLN A 156 -2.72 -9.17 9.94
CA GLN A 156 -3.68 -9.53 10.99
C GLN A 156 -4.69 -8.41 11.19
N GLU A 157 -4.21 -7.18 11.30
CA GLU A 157 -5.09 -6.06 11.57
C GLU A 157 -6.06 -5.82 10.41
N LEU A 158 -5.54 -5.80 9.19
CA LEU A 158 -6.39 -5.42 8.06
C LEU A 158 -7.39 -6.51 7.69
N MET A 159 -7.17 -7.75 8.11
CA MET A 159 -8.06 -8.87 7.79
C MET A 159 -9.07 -9.23 8.85
N SER A 160 -8.90 -8.62 9.96
CA SER A 160 -9.78 -8.85 11.05
C SER A 160 -11.04 -8.02 10.76
N LYS A 161 -12.10 -8.42 11.39
CA LYS A 161 -13.36 -7.71 11.33
C LYS A 161 -13.58 -6.95 12.63
N GLU B 9 12.32 -16.23 11.43
CA GLU B 9 11.63 -16.98 12.45
C GLU B 9 10.57 -17.87 11.79
N GLY B 10 10.83 -19.20 11.65
CA GLY B 10 9.94 -20.19 11.02
C GLY B 10 8.41 -20.10 11.26
N VAL B 11 8.00 -19.60 12.42
CA VAL B 11 6.60 -19.40 12.74
C VAL B 11 6.01 -18.36 11.81
N LEU B 12 6.83 -17.44 11.31
CA LEU B 12 6.34 -16.53 10.30
C LEU B 12 5.82 -17.29 9.10
N ALA B 13 6.52 -18.36 8.72
CA ALA B 13 6.06 -19.17 7.60
C ALA B 13 4.70 -19.81 7.89
N ASN B 14 4.45 -20.23 9.15
CA ASN B 14 3.13 -20.75 9.47
C ASN B 14 2.05 -19.71 9.22
N PHE B 15 2.32 -18.45 9.60
CA PHE B 15 1.34 -17.40 9.38
C PHE B 15 1.05 -17.23 7.89
N PHE B 16 2.10 -17.08 7.09
CA PHE B 16 1.89 -16.81 5.68
C PHE B 16 1.32 -18.02 4.95
N ASN B 17 1.77 -19.23 5.30
CA ASN B 17 1.19 -20.45 4.73
C ASN B 17 -0.26 -20.61 5.15
N SER B 18 -0.62 -20.16 6.34
CA SER B 18 -2.02 -20.21 6.75
C SER B 18 -2.89 -19.30 5.89
N LEU B 19 -2.37 -18.12 5.53
CA LEU B 19 -3.08 -17.26 4.57
C LEU B 19 -3.25 -17.97 3.25
N LEU B 20 -2.21 -18.64 2.79
CA LEU B 20 -2.27 -19.34 1.52
C LEU B 20 -3.31 -20.46 1.58
N SER B 21 -3.51 -21.04 2.77
CA SER B 21 -4.39 -22.20 2.89
C SER B 21 -5.85 -21.84 2.81
N LYS B 22 -6.19 -20.57 3.00
CA LYS B 22 -7.57 -20.11 3.08
C LYS B 22 -8.13 -19.85 1.69
#